data_7F5I
#
_entry.id   7F5I
#
_cell.length_a   51.010
_cell.length_b   52.870
_cell.length_c   58.610
_cell.angle_alpha   90.00
_cell.angle_beta   90.00
_cell.angle_gamma   90.00
#
_symmetry.space_group_name_H-M   'P 21 21 21'
#
loop_
_entity.id
_entity.type
_entity.pdbx_description
1 polymer amidase
2 non-polymer 'GLUTAMIC ACID'
3 non-polymer 'ZINC ION'
4 non-polymer 'SODIUM ION'
5 water water
#
_entity_poly.entity_id   1
_entity_poly.type   'polypeptide(L)'
_entity_poly.pdbx_seq_one_letter_code
;MNHKVHHHHHHMDIKKVYLKGQEEAKGWNKPNKIIIHHPEYNGSIEGLNDIMRSMGFYMIGYNFYVRKDGTVYEGRPVWA
TGANCYGHNHDSIGVCFEGNYDKETDMPQEQFNAGVELIKYLKSKYGINEVNGHKHYYNTACPGQYFPLEKMLSCLDGQL
QQE
;
_entity_poly.pdbx_strand_id   A
#
loop_
_chem_comp.id
_chem_comp.type
_chem_comp.name
_chem_comp.formula
NA non-polymer 'SODIUM ION' 'Na 1'
ZN non-polymer 'ZINC ION' 'Zn 2'
#
# COMPACT_ATOMS: atom_id res chain seq x y z
N HIS A 11 5.88 -5.44 17.55
CA HIS A 11 4.99 -5.30 16.35
C HIS A 11 5.39 -6.28 15.24
N MET A 12 4.61 -6.33 14.16
CA MET A 12 4.88 -7.23 13.01
C MET A 12 6.24 -6.93 12.36
N ASP A 13 6.82 -7.96 11.74
CA ASP A 13 8.09 -7.86 10.98
C ASP A 13 7.83 -7.06 9.70
N ILE A 14 8.47 -5.89 9.56
CA ILE A 14 8.50 -5.12 8.29
C ILE A 14 9.92 -5.23 7.71
N LYS A 15 10.06 -5.88 6.57
CA LYS A 15 11.38 -6.27 6.02
C LYS A 15 11.98 -5.04 5.34
N LYS A 16 13.28 -4.83 5.56
CA LYS A 16 14.05 -3.67 5.03
C LYS A 16 15.11 -4.17 4.07
N VAL A 17 15.00 -3.81 2.79
CA VAL A 17 15.95 -4.20 1.71
C VAL A 17 16.36 -2.94 0.97
N TYR A 18 17.54 -2.98 0.36
CA TYR A 18 18.06 -1.86 -0.46
C TYR A 18 17.19 -1.81 -1.71
N LEU A 19 16.66 -0.62 -1.99
CA LEU A 19 15.93 -0.31 -3.25
C LEU A 19 16.74 0.75 -4.00
N LYS A 20 17.19 0.39 -5.20
CA LYS A 20 17.88 1.34 -6.11
C LYS A 20 17.09 2.66 -6.08
N GLY A 21 17.74 3.80 -5.82
CA GLY A 21 17.08 5.13 -5.88
C GLY A 21 16.69 5.65 -4.52
N GLN A 22 16.73 4.82 -3.49
CA GLN A 22 16.17 5.27 -2.20
C GLN A 22 17.02 6.42 -1.63
N GLU A 23 18.31 6.51 -2.02
CA GLU A 23 19.23 7.64 -1.66
C GLU A 23 18.63 8.98 -2.09
N GLU A 24 17.73 9.00 -3.08
CA GLU A 24 17.15 10.24 -3.67
C GLU A 24 15.85 10.64 -2.94
N ALA A 25 15.43 9.90 -1.91
CA ALA A 25 14.23 10.28 -1.10
C ALA A 25 14.40 11.71 -0.57
N LYS A 26 13.33 12.50 -0.69
CA LYS A 26 13.36 13.97 -0.42
C LYS A 26 11.95 14.41 -0.05
N GLY A 27 11.81 15.62 0.46
CA GLY A 27 10.50 16.28 0.50
C GLY A 27 9.83 16.02 1.82
N TRP A 28 8.50 15.92 1.76
CA TRP A 28 7.69 15.88 2.99
C TRP A 28 6.35 15.21 2.70
N ASN A 29 5.75 14.77 3.81
CA ASN A 29 4.48 14.01 3.80
C ASN A 29 3.88 14.10 5.20
N LYS A 30 2.62 14.44 5.31
CA LYS A 30 1.87 14.46 6.58
C LYS A 30 0.62 13.61 6.37
N PRO A 31 0.71 12.27 6.47
CA PRO A 31 -0.39 11.41 6.08
C PRO A 31 -1.60 11.53 7.03
N ASN A 32 -2.79 11.59 6.44
CA ASN A 32 -4.07 11.51 7.16
C ASN A 32 -4.95 10.45 6.48
N LYS A 33 -4.41 9.74 5.50
CA LYS A 33 -5.15 8.64 4.83
C LYS A 33 -4.21 7.52 4.41
N ILE A 34 -4.73 6.29 4.33
CA ILE A 34 -4.00 5.14 3.78
C ILE A 34 -4.74 4.71 2.50
N ILE A 35 -3.98 4.59 1.42
CA ILE A 35 -4.53 4.31 0.07
C ILE A 35 -4.08 2.91 -0.33
N ILE A 36 -5.06 2.06 -0.66
CA ILE A 36 -4.84 0.63 -1.00
C ILE A 36 -4.72 0.51 -2.52
N HIS A 37 -3.71 -0.23 -2.95
CA HIS A 37 -3.38 -0.42 -4.37
C HIS A 37 -3.10 -1.88 -4.65
N HIS A 38 -3.20 -2.25 -5.92
CA HIS A 38 -2.45 -3.38 -6.51
C HIS A 38 -1.57 -2.81 -7.62
N PRO A 39 -0.51 -3.53 -8.01
CA PRO A 39 0.34 -3.08 -9.11
C PRO A 39 0.14 -3.79 -10.46
N GLU A 40 -0.78 -4.77 -10.50
CA GLU A 40 -0.96 -5.72 -11.63
C GLU A 40 0.39 -6.40 -11.89
N TYR A 41 1.02 -6.90 -10.83
CA TYR A 41 2.42 -7.41 -10.81
C TYR A 41 2.54 -8.49 -9.71
N ASN A 42 3.22 -9.59 -10.07
CA ASN A 42 3.63 -10.65 -9.12
C ASN A 42 5.16 -10.70 -9.15
N GLY A 43 5.77 -10.62 -7.97
CA GLY A 43 7.22 -10.69 -7.84
C GLY A 43 7.73 -9.88 -6.68
N SER A 44 9.05 -9.74 -6.63
CA SER A 44 9.75 -9.11 -5.47
C SER A 44 9.52 -7.60 -5.52
N ILE A 45 9.68 -6.97 -4.35
CA ILE A 45 9.69 -5.48 -4.25
C ILE A 45 10.84 -4.92 -5.11
N GLU A 46 12.00 -5.59 -5.17
CA GLU A 46 13.15 -5.12 -5.99
C GLU A 46 12.68 -5.03 -7.44
N GLY A 47 11.96 -6.04 -7.94
CA GLY A 47 11.48 -6.06 -9.34
C GLY A 47 10.54 -4.90 -9.58
N LEU A 48 9.60 -4.70 -8.66
CA LEU A 48 8.61 -3.60 -8.79
C LEU A 48 9.31 -2.23 -8.78
N ASN A 49 10.23 -2.03 -7.85
CA ASN A 49 11.11 -0.83 -7.79
C ASN A 49 11.76 -0.58 -9.16
N ASP A 50 12.40 -1.60 -9.72
CA ASP A 50 13.16 -1.46 -11.00
C ASP A 50 12.19 -1.14 -12.14
N ILE A 51 11.00 -1.77 -12.12
CA ILE A 51 9.99 -1.50 -13.16
C ILE A 51 9.56 -0.03 -13.06
N MET A 52 9.28 0.47 -11.86
CA MET A 52 8.79 1.87 -11.72
C MET A 52 9.92 2.85 -12.07
N ARG A 53 11.16 2.48 -11.82
CA ARG A 53 12.32 3.35 -12.18
C ARG A 53 12.48 3.43 -13.70
N SER A 54 11.88 2.50 -14.46
CA SER A 54 11.92 2.50 -15.95
C SER A 54 10.86 3.47 -16.49
N MET A 55 9.98 4.03 -15.62
CA MET A 55 8.82 4.83 -16.10
C MET A 55 8.65 6.13 -15.29
N GLY A 56 9.76 6.71 -14.83
CA GLY A 56 9.83 8.11 -14.37
C GLY A 56 9.65 8.33 -12.87
N PHE A 57 9.81 7.27 -12.07
CA PHE A 57 9.86 7.30 -10.58
C PHE A 57 11.32 7.15 -10.18
N TYR A 58 11.82 7.82 -9.14
CA TYR A 58 13.22 7.59 -8.70
C TYR A 58 13.30 6.29 -7.90
N MET A 59 12.17 5.89 -7.33
CA MET A 59 12.03 4.60 -6.63
C MET A 59 10.53 4.26 -6.57
N ILE A 60 10.22 3.03 -6.14
CA ILE A 60 8.83 2.53 -5.99
C ILE A 60 7.98 3.67 -5.42
N GLY A 61 6.81 3.90 -6.02
CA GLY A 61 5.84 4.94 -5.62
C GLY A 61 5.19 4.62 -4.29
N TYR A 62 5.09 3.33 -3.95
CA TYR A 62 4.37 2.85 -2.74
C TYR A 62 5.28 2.90 -1.51
N ASN A 63 4.68 3.07 -0.31
CA ASN A 63 5.39 3.09 1.00
C ASN A 63 5.56 1.66 1.53
N PHE A 64 4.62 0.74 1.23
CA PHE A 64 4.69 -0.66 1.72
C PHE A 64 4.19 -1.59 0.63
N TYR A 65 4.76 -2.79 0.65
CA TYR A 65 4.41 -3.87 -0.29
C TYR A 65 4.08 -5.11 0.53
N VAL A 66 2.87 -5.62 0.34
CA VAL A 66 2.36 -6.80 1.08
C VAL A 66 2.28 -7.98 0.09
N ARG A 67 3.11 -8.99 0.31
CA ARG A 67 3.25 -10.14 -0.62
C ARG A 67 2.14 -11.17 -0.41
N LYS A 68 1.96 -12.02 -1.41
CA LYS A 68 0.95 -13.09 -1.43
C LYS A 68 1.13 -13.99 -0.21
N ASP A 69 2.37 -14.15 0.31
CA ASP A 69 2.63 -15.05 1.47
C ASP A 69 2.56 -14.28 2.79
N GLY A 70 2.11 -13.02 2.75
CA GLY A 70 1.89 -12.17 3.94
C GLY A 70 3.14 -11.45 4.42
N THR A 71 4.28 -11.61 3.74
CA THR A 71 5.52 -10.86 4.05
C THR A 71 5.33 -9.39 3.68
N VAL A 72 5.69 -8.49 4.58
CA VAL A 72 5.56 -7.01 4.36
C VAL A 72 6.95 -6.39 4.20
N TYR A 73 7.13 -5.62 3.14
CA TYR A 73 8.36 -4.85 2.88
C TYR A 73 8.09 -3.35 2.95
N GLU A 74 9.04 -2.65 3.57
CA GLU A 74 9.14 -1.19 3.48
C GLU A 74 9.55 -0.79 2.04
N GLY A 75 8.82 0.16 1.45
CA GLY A 75 9.14 0.75 0.13
C GLY A 75 9.72 2.16 0.30
N ARG A 76 9.08 3.12 -0.34
CA ARG A 76 9.40 4.56 -0.17
C ARG A 76 9.15 4.95 1.29
N PRO A 77 10.10 5.64 1.94
CA PRO A 77 9.93 6.10 3.32
C PRO A 77 8.71 7.01 3.44
N VAL A 78 7.96 6.84 4.51
CA VAL A 78 6.71 7.63 4.65
C VAL A 78 7.07 9.11 4.85
N TRP A 79 8.27 9.43 5.37
CA TRP A 79 8.63 10.85 5.62
C TRP A 79 8.75 11.63 4.30
N ALA A 80 8.93 10.90 3.18
CA ALA A 80 9.32 11.49 1.89
C ALA A 80 8.05 11.86 1.11
N THR A 81 8.16 12.79 0.17
CA THR A 81 7.07 13.05 -0.77
C THR A 81 6.72 11.72 -1.46
N GLY A 82 5.43 11.37 -1.45
CA GLY A 82 4.94 10.12 -2.05
C GLY A 82 4.80 10.22 -3.57
N ALA A 83 4.53 9.09 -4.20
CA ALA A 83 4.14 9.00 -5.63
C ALA A 83 3.20 7.78 -5.79
N ASN A 84 2.22 7.66 -4.90
CA ASN A 84 1.23 6.54 -4.97
C ASN A 84 -0.11 7.01 -5.57
N CYS A 85 -0.46 8.30 -5.45
CA CYS A 85 -1.78 8.82 -5.89
C CYS A 85 -1.69 10.31 -6.23
N TYR A 86 -1.98 10.63 -7.49
CA TYR A 86 -2.11 12.02 -8.01
C TYR A 86 -2.94 12.84 -7.02
N GLY A 87 -2.36 13.96 -6.56
CA GLY A 87 -3.02 14.92 -5.67
C GLY A 87 -2.89 14.53 -4.22
N HIS A 88 -2.27 13.39 -3.90
CA HIS A 88 -2.17 12.91 -2.50
C HIS A 88 -0.72 12.58 -2.14
N ASN A 89 0.26 13.27 -2.74
CA ASN A 89 1.69 12.91 -2.50
C ASN A 89 2.17 13.43 -1.12
N HIS A 90 1.46 14.37 -0.50
CA HIS A 90 1.92 15.00 0.78
C HIS A 90 0.96 14.68 1.92
N ASP A 91 -0.03 13.83 1.68
CA ASP A 91 -1.10 13.58 2.70
C ASP A 91 -1.43 12.09 2.79
N SER A 92 -0.58 11.16 2.35
CA SER A 92 -1.02 9.73 2.30
C SER A 92 0.09 8.72 2.53
N ILE A 93 -0.34 7.49 2.86
CA ILE A 93 0.52 6.28 2.87
C ILE A 93 -0.04 5.32 1.82
N GLY A 94 0.77 4.96 0.83
CA GLY A 94 0.39 4.01 -0.24
C GLY A 94 0.76 2.60 0.15
N VAL A 95 -0.25 1.72 0.31
CA VAL A 95 -0.01 0.30 0.60
C VAL A 95 -0.35 -0.51 -0.66
N CYS A 96 0.63 -1.22 -1.19
CA CYS A 96 0.46 -2.06 -2.39
C CYS A 96 0.40 -3.54 -1.98
N PHE A 97 -0.56 -4.24 -2.59
CA PHE A 97 -0.76 -5.72 -2.45
C PHE A 97 -0.30 -6.41 -3.74
N GLU A 98 0.68 -7.31 -3.62
CA GLU A 98 1.16 -8.17 -4.72
C GLU A 98 -0.06 -8.81 -5.39
N GLY A 99 -0.11 -8.70 -6.72
CA GLY A 99 -1.08 -9.39 -7.58
C GLY A 99 -1.71 -8.50 -8.63
N ASN A 100 -2.67 -9.07 -9.34
CA ASN A 100 -3.53 -8.39 -10.34
C ASN A 100 -4.98 -8.77 -9.99
N TYR A 101 -5.63 -7.95 -9.18
CA TYR A 101 -6.99 -8.21 -8.66
C TYR A 101 -8.04 -7.69 -9.66
N ASP A 102 -7.67 -7.33 -10.90
CA ASP A 102 -8.65 -7.20 -12.02
C ASP A 102 -8.89 -8.57 -12.70
N LYS A 103 -8.02 -9.56 -12.45
CA LYS A 103 -8.08 -10.90 -13.10
C LYS A 103 -8.06 -11.99 -12.02
N GLU A 104 -7.28 -11.80 -10.94
CA GLU A 104 -7.17 -12.78 -9.83
C GLU A 104 -8.43 -12.67 -8.95
N THR A 105 -9.16 -13.76 -8.74
CA THR A 105 -10.47 -13.68 -8.05
C THR A 105 -10.29 -13.94 -6.55
N ASP A 106 -9.12 -14.39 -6.08
CA ASP A 106 -8.94 -14.93 -4.70
C ASP A 106 -7.70 -14.35 -4.03
N MET A 107 -7.86 -13.52 -3.01
CA MET A 107 -6.67 -13.06 -2.24
C MET A 107 -6.34 -14.11 -1.20
N PRO A 108 -5.08 -14.61 -1.14
CA PRO A 108 -4.69 -15.51 -0.07
C PRO A 108 -4.99 -14.91 1.31
N GLN A 109 -5.51 -15.72 2.23
CA GLN A 109 -5.88 -15.21 3.59
C GLN A 109 -4.63 -14.66 4.29
N GLU A 110 -3.45 -15.26 4.09
CA GLU A 110 -2.17 -14.80 4.71
C GLU A 110 -1.90 -13.36 4.28
N GLN A 111 -2.18 -13.05 3.02
CA GLN A 111 -1.92 -11.69 2.46
C GLN A 111 -2.96 -10.72 3.03
N PHE A 112 -4.21 -11.15 3.06
CA PHE A 112 -5.31 -10.31 3.59
C PHE A 112 -5.01 -9.95 5.05
N ASN A 113 -4.68 -10.94 5.89
CA ASN A 113 -4.40 -10.72 7.33
C ASN A 113 -3.18 -9.82 7.51
N ALA A 114 -2.11 -10.01 6.74
CA ALA A 114 -0.92 -9.13 6.79
C ALA A 114 -1.30 -7.69 6.45
N GLY A 115 -2.18 -7.49 5.47
CA GLY A 115 -2.69 -6.14 5.10
C GLY A 115 -3.40 -5.48 6.27
N VAL A 116 -4.34 -6.21 6.90
CA VAL A 116 -5.08 -5.69 8.09
C VAL A 116 -4.07 -5.36 9.19
N GLU A 117 -3.11 -6.25 9.46
CA GLU A 117 -2.10 -6.03 10.53
C GLU A 117 -1.32 -4.72 10.26
N LEU A 118 -0.85 -4.56 9.05
CA LEU A 118 0.00 -3.40 8.64
C LEU A 118 -0.83 -2.13 8.79
N ILE A 119 -2.06 -2.16 8.29
CA ILE A 119 -2.88 -0.92 8.28
C ILE A 119 -3.27 -0.59 9.73
N LYS A 120 -3.59 -1.58 10.56
CA LYS A 120 -3.88 -1.29 11.99
C LYS A 120 -2.66 -0.62 12.62
N TYR A 121 -1.49 -1.20 12.42
CA TYR A 121 -0.21 -0.67 12.96
C TYR A 121 0.00 0.77 12.50
N LEU A 122 -0.20 1.04 11.21
CA LEU A 122 -0.01 2.42 10.67
C LEU A 122 -1.05 3.36 11.27
N LYS A 123 -2.30 2.90 11.41
CA LYS A 123 -3.40 3.72 11.97
C LYS A 123 -2.98 4.15 13.38
N SER A 124 -2.39 3.21 14.12
CA SER A 124 -1.86 3.40 15.49
C SER A 124 -0.72 4.45 15.49
N LYS A 125 0.26 4.30 14.60
CA LYS A 125 1.51 5.12 14.65
C LYS A 125 1.26 6.56 14.16
N TYR A 126 0.32 6.74 13.23
CA TYR A 126 0.10 8.03 12.52
C TYR A 126 -1.23 8.63 12.94
N GLY A 127 -2.01 7.91 13.74
CA GLY A 127 -3.30 8.46 14.21
C GLY A 127 -4.11 8.80 12.97
N ILE A 128 -4.25 7.78 12.10
CA ILE A 128 -4.98 7.89 10.79
C ILE A 128 -6.33 7.19 10.94
N ASN A 129 -7.39 7.91 10.59
CA ASN A 129 -8.80 7.43 10.40
C ASN A 129 -8.96 6.73 9.04
N GLU A 130 -8.75 7.49 7.95
CA GLU A 130 -9.33 7.21 6.59
C GLU A 130 -8.47 6.15 5.90
N VAL A 131 -9.12 5.09 5.43
CA VAL A 131 -8.50 4.01 4.60
C VAL A 131 -9.45 3.77 3.44
N ASN A 132 -8.92 3.72 2.24
CA ASN A 132 -9.76 3.38 1.06
C ASN A 132 -8.90 2.95 -0.10
N GLY A 133 -9.58 2.42 -1.10
CA GLY A 133 -8.97 2.02 -2.37
C GLY A 133 -8.56 3.24 -3.15
N HIS A 134 -7.49 3.12 -3.95
CA HIS A 134 -7.06 4.15 -4.91
C HIS A 134 -8.28 4.73 -5.63
N LYS A 135 -9.21 3.88 -6.08
CA LYS A 135 -10.40 4.26 -6.90
C LYS A 135 -11.27 5.28 -6.15
N HIS A 136 -11.15 5.38 -4.83
CA HIS A 136 -11.92 6.35 -4.03
C HIS A 136 -11.38 7.76 -4.35
N TYR A 137 -10.12 7.90 -4.75
CA TYR A 137 -9.43 9.21 -4.81
C TYR A 137 -9.09 9.63 -6.24
N TYR A 138 -9.21 8.73 -7.21
CA TYR A 138 -8.67 8.93 -8.58
C TYR A 138 -9.46 8.03 -9.52
N ASN A 139 -9.58 8.45 -10.78
CA ASN A 139 -10.25 7.74 -11.88
C ASN A 139 -9.44 6.49 -12.27
N THR A 140 -9.56 5.41 -11.49
CA THR A 140 -8.86 4.12 -11.73
C THR A 140 -9.72 2.98 -11.19
N ALA A 141 -9.53 1.77 -11.73
CA ALA A 141 -10.11 0.52 -11.21
C ALA A 141 -9.27 0.02 -10.03
N CYS A 142 -8.04 0.52 -9.87
CA CYS A 142 -7.13 0.11 -8.76
C CYS A 142 -7.88 0.28 -7.43
N PRO A 143 -7.89 -0.70 -6.49
CA PRO A 143 -7.07 -1.91 -6.49
C PRO A 143 -7.64 -3.19 -7.15
N GLY A 144 -8.63 -3.05 -8.03
CA GLY A 144 -9.09 -4.13 -8.94
C GLY A 144 -10.44 -4.68 -8.52
N GLN A 145 -11.22 -5.14 -9.50
CA GLN A 145 -12.68 -5.40 -9.35
C GLN A 145 -12.85 -6.52 -8.33
N TYR A 146 -11.83 -7.36 -8.14
CA TYR A 146 -11.91 -8.59 -7.29
C TYR A 146 -11.19 -8.37 -5.96
N PHE A 147 -10.57 -7.22 -5.74
CA PHE A 147 -9.94 -6.91 -4.44
C PHE A 147 -10.98 -6.94 -3.33
N PRO A 148 -10.75 -7.66 -2.21
CA PRO A 148 -11.75 -7.76 -1.13
C PRO A 148 -11.76 -6.51 -0.25
N LEU A 149 -12.10 -5.37 -0.86
CA LEU A 149 -11.87 -4.05 -0.23
C LEU A 149 -12.84 -3.83 0.92
N GLU A 150 -14.13 -4.13 0.73
CA GLU A 150 -15.16 -3.87 1.78
C GLU A 150 -14.88 -4.80 2.96
N LYS A 151 -14.55 -6.07 2.69
CA LYS A 151 -14.20 -7.05 3.74
C LYS A 151 -13.00 -6.49 4.52
N MET A 152 -11.97 -5.99 3.82
CA MET A 152 -10.74 -5.50 4.50
C MET A 152 -11.08 -4.27 5.37
N LEU A 153 -11.86 -3.34 4.85
CA LEU A 153 -12.27 -2.12 5.61
C LEU A 153 -13.14 -2.54 6.82
N SER A 154 -13.92 -3.62 6.68
CA SER A 154 -14.75 -4.22 7.75
C SER A 154 -13.83 -4.66 8.89
N CYS A 155 -12.71 -5.30 8.58
CA CYS A 155 -11.79 -5.83 9.62
C CYS A 155 -11.13 -4.66 10.36
N LEU A 156 -10.98 -3.54 9.66
CA LEU A 156 -10.27 -2.36 10.21
C LEU A 156 -11.23 -1.52 11.06
N ASP A 157 -12.54 -1.68 10.94
CA ASP A 157 -13.55 -0.86 11.67
C ASP A 157 -14.40 -1.76 12.58
N GLY A 158 -13.76 -2.48 13.50
CA GLY A 158 -14.42 -3.41 14.45
C GLY A 158 -15.47 -2.71 15.29
N GLN A 159 -15.27 -1.44 15.60
CA GLN A 159 -16.18 -0.66 16.49
C GLN A 159 -17.57 -0.56 15.83
N LEU A 160 -17.63 -0.74 14.53
CA LEU A 160 -18.89 -0.58 13.75
C LEU A 160 -19.88 -1.71 14.14
N GLN A 161 -19.39 -2.79 14.77
CA GLN A 161 -20.25 -3.94 15.14
C GLN A 161 -21.21 -3.55 16.29
N GLN A 162 -20.90 -2.47 17.01
CA GLN A 162 -21.79 -1.97 18.09
C GLN A 162 -22.67 -0.84 17.55
N GLU A 163 -22.64 -0.57 16.23
CA GLU A 163 -23.49 0.45 15.56
C GLU A 163 -24.76 -0.25 15.05
N GLU B . 15.27 12.21 -13.11
CA GLU B . 14.53 11.39 -12.09
C GLU B . 14.66 9.89 -12.41
O GLU B . 15.50 9.20 -11.83
CB GLU B . 13.06 11.82 -11.98
CG GLU B . 12.20 10.84 -11.19
CD GLU B . 11.27 11.39 -10.11
OE1 GLU B . 11.67 12.21 -9.30
OXT GLU B . 13.95 9.30 -13.23
N GLU C . 10.03 10.92 -10.11
CA GLU C . 9.01 11.37 -9.12
C GLU C . 9.00 10.41 -7.92
O GLU C . 9.37 9.23 -8.04
CB GLU C . 7.63 11.38 -9.75
CG GLU C . 7.43 12.50 -10.75
CD GLU C . 6.22 12.26 -11.63
OE1 GLU C . 5.96 13.10 -12.58
OE2 GLU C . 5.52 11.22 -11.36
OXT GLU C . 8.62 10.79 -6.80
ZN ZN D . -3.33 2.32 -7.34
NA NA E . 15.33 0.40 1.58
#